data_6EKT
#
_entry.id   6EKT
#
_cell.length_a   153.470
_cell.length_b   38.927
_cell.length_c   82.761
_cell.angle_alpha   90.000
_cell.angle_beta   107.950
_cell.angle_gamma   90.000
#
_symmetry.space_group_name_H-M   'C 1 2 1'
#
loop_
_entity.id
_entity.type
_entity.pdbx_description
1 polymer 'p-47 protein'
2 water water
#
_entity_poly.entity_id   1
_entity_poly.type   'polypeptide(L)'
_entity_poly.pdbx_seq_one_letter_code
;MSYYHHHHHHLESTSLYKKAGMNTYGWDIVYGCSKRVVNKHLKEYITKNNIQFLYSNIDKKQEIKMVFDNWEIINGGSSN
FLRIKTPIKEGYFKVRNTTVDLSGINPVLEIKLDFFNDISNPNIKELKFNFGSESNDDIKIIVSDLNGNLQEEDEFYFNK
LLINAFIQNEKQISYIFASLNVTSDIEWMNPKQFKFVYYSPTDNSDGYLFILSVVTNRDISKLSANVDGNILGNNSEVGL
LISEKLFLQNMVLSRLSSNMGSNINKNNFEVISTSDTTGRIVNNSTLNWYGLKVAALYYYPKINNFSMQLFEGNKLKISL
RGLVRLTGLEAVYSDFEIQSINKFVYNSTNKKAYFEVDKNPTSSYKYHLFPGDLISLAVLSSVTHWSIKSIEGALGFELI
NNFVDLINNTIKWNNLKISQVTNVTLNVGFCIQGNAN
;
_entity_poly.pdbx_strand_id   A
#
# COMPACT_ATOMS: atom_id res chain seq x y z
N SER A 15 6.84 -11.52 17.09
CA SER A 15 6.30 -12.06 15.80
C SER A 15 4.85 -12.59 15.94
N LEU A 16 4.39 -12.76 17.18
CA LEU A 16 3.02 -13.23 17.50
C LEU A 16 1.88 -12.26 17.10
N TYR A 17 2.20 -10.98 16.97
CA TYR A 17 1.23 -9.92 16.72
C TYR A 17 1.12 -9.51 15.24
N LYS A 18 1.69 -10.35 14.39
CA LYS A 18 1.77 -10.16 12.93
C LYS A 18 0.42 -9.93 12.23
N LYS A 19 -0.64 -10.57 12.74
CA LYS A 19 -1.99 -10.50 12.15
C LYS A 19 -2.93 -9.51 12.89
N ALA A 20 -2.44 -8.85 13.93
CA ALA A 20 -3.32 -8.08 14.84
C ALA A 20 -3.64 -6.66 14.36
N GLY A 21 -2.96 -6.21 13.31
CA GLY A 21 -3.22 -4.88 12.75
C GLY A 21 -3.63 -4.94 11.28
N MET A 22 -3.11 -4.01 10.48
CA MET A 22 -3.34 -4.04 9.04
C MET A 22 -2.42 -5.05 8.37
N ASN A 23 -2.93 -5.79 7.39
CA ASN A 23 -2.23 -6.95 6.90
C ASN A 23 -2.08 -6.86 5.38
N THR A 24 -0.85 -6.99 4.90
CA THR A 24 -0.63 -7.14 3.44
C THR A 24 -0.75 -8.59 2.99
N TYR A 25 -0.98 -9.52 3.91
CA TYR A 25 -1.19 -10.93 3.58
C TYR A 25 -0.08 -11.53 2.69
N GLY A 26 1.17 -11.19 3.02
CA GLY A 26 2.38 -11.73 2.36
C GLY A 26 2.81 -10.92 1.15
N TRP A 27 2.03 -9.90 0.78
CA TRP A 27 2.42 -8.99 -0.32
C TRP A 27 3.25 -7.80 0.21
N ASP A 28 3.94 -7.08 -0.67
CA ASP A 28 4.77 -5.93 -0.26
C ASP A 28 4.04 -4.59 -0.20
N ILE A 29 3.34 -4.24 -1.28
CA ILE A 29 2.60 -2.97 -1.32
C ILE A 29 1.28 -3.26 -1.99
N VAL A 30 0.22 -2.79 -1.37
CA VAL A 30 -1.15 -3.04 -1.85
C VAL A 30 -1.77 -1.68 -2.15
N TYR A 31 -2.39 -1.54 -3.32
CA TYR A 31 -3.01 -0.28 -3.74
C TYR A 31 -4.50 -0.47 -3.92
N GLY A 32 -5.29 0.47 -3.43
CA GLY A 32 -6.76 0.37 -3.60
C GLY A 32 -7.48 1.63 -4.05
N CYS A 33 -8.57 1.44 -4.80
CA CYS A 33 -9.45 2.53 -5.22
C CYS A 33 -10.91 2.10 -5.14
N SER A 34 -11.73 3.04 -4.67
CA SER A 34 -13.18 2.87 -4.56
C SER A 34 -13.80 2.73 -5.95
N LYS A 35 -14.74 1.78 -6.09
CA LYS A 35 -15.42 1.61 -7.37
C LYS A 35 -16.31 2.80 -7.72
N ARG A 36 -16.82 3.48 -6.68
CA ARG A 36 -17.57 4.73 -6.85
C ARG A 36 -16.75 5.75 -7.68
N VAL A 37 -15.45 5.85 -7.37
CA VAL A 37 -14.54 6.72 -8.11
C VAL A 37 -14.36 6.22 -9.55
N VAL A 38 -14.09 4.90 -9.71
CA VAL A 38 -13.86 4.34 -11.03
C VAL A 38 -15.11 4.50 -11.93
N ASN A 39 -16.28 4.27 -11.35
CA ASN A 39 -17.56 4.34 -12.05
C ASN A 39 -17.81 5.69 -12.66
N LYS A 40 -17.37 6.74 -11.97
CA LYS A 40 -17.46 8.12 -12.46
C LYS A 40 -16.71 8.28 -13.77
N HIS A 41 -15.48 7.78 -13.79
CA HIS A 41 -14.65 7.85 -14.99
C HIS A 41 -15.07 6.89 -16.10
N LEU A 42 -15.52 5.69 -15.72
CA LEU A 42 -16.04 4.72 -16.69
C LEU A 42 -17.29 5.25 -17.43
N LYS A 43 -18.22 5.83 -16.67
CA LYS A 43 -19.41 6.51 -17.22
C LYS A 43 -19.05 7.62 -18.21
N GLU A 44 -18.09 8.48 -17.85
CA GLU A 44 -17.58 9.53 -18.75
C GLU A 44 -17.02 8.89 -20.02
N TYR A 45 -16.26 7.81 -19.87
CA TYR A 45 -15.64 7.11 -21.00
C TYR A 45 -16.68 6.56 -21.98
N ILE A 46 -17.71 5.88 -21.45
CA ILE A 46 -18.80 5.33 -22.28
C ILE A 46 -19.62 6.43 -22.99
N THR A 47 -20.03 7.45 -22.24
CA THR A 47 -20.75 8.61 -22.79
C THR A 47 -19.93 9.36 -23.85
N LYS A 48 -18.70 9.78 -23.52
CA LYS A 48 -17.88 10.63 -24.40
C LYS A 48 -17.54 9.96 -25.75
N ASN A 49 -17.44 8.63 -25.75
CA ASN A 49 -17.04 7.90 -26.94
C ASN A 49 -18.21 7.33 -27.75
N ASN A 50 -19.43 7.51 -27.23
CA ASN A 50 -20.70 7.03 -27.84
C ASN A 50 -20.58 5.61 -28.38
N ILE A 51 -20.18 4.70 -27.49
CA ILE A 51 -19.86 3.33 -27.85
C ILE A 51 -21.08 2.60 -28.40
N GLN A 52 -20.92 2.10 -29.63
CA GLN A 52 -21.85 1.13 -30.19
C GLN A 52 -21.15 -0.09 -30.75
N PHE A 53 -21.72 -1.26 -30.48
CA PHE A 53 -21.18 -2.53 -30.96
C PHE A 53 -22.11 -3.07 -32.04
N LEU A 54 -21.54 -3.33 -33.21
CA LEU A 54 -22.19 -4.06 -34.31
C LEU A 54 -21.51 -5.39 -34.59
N TYR A 55 -22.32 -6.39 -34.94
CA TYR A 55 -21.82 -7.67 -35.41
C TYR A 55 -22.79 -8.23 -36.46
N SER A 56 -22.22 -8.77 -37.55
CA SER A 56 -22.98 -9.36 -38.65
C SER A 56 -22.38 -10.68 -39.11
N ASN A 57 -23.24 -11.56 -39.59
CA ASN A 57 -22.82 -12.81 -40.20
C ASN A 57 -23.84 -13.15 -41.27
N ILE A 58 -23.48 -12.83 -42.51
CA ILE A 58 -24.41 -12.94 -43.63
C ILE A 58 -24.73 -14.40 -44.00
N ASP A 59 -23.73 -15.28 -43.93
CA ASP A 59 -23.98 -16.73 -44.19
C ASP A 59 -24.98 -17.34 -43.19
N LYS A 60 -24.88 -16.95 -41.92
CA LYS A 60 -25.73 -17.55 -40.88
C LYS A 60 -26.94 -16.67 -40.57
N LYS A 61 -27.09 -15.59 -41.34
CA LYS A 61 -28.23 -14.65 -41.29
C LYS A 61 -28.52 -14.12 -39.88
N GLN A 62 -27.50 -13.49 -39.30
CA GLN A 62 -27.56 -12.97 -37.92
C GLN A 62 -26.93 -11.58 -37.86
N GLU A 63 -27.59 -10.69 -37.12
CA GLU A 63 -27.03 -9.38 -36.82
C GLU A 63 -27.43 -8.85 -35.45
N ILE A 64 -26.60 -7.97 -34.89
CA ILE A 64 -26.86 -7.34 -33.60
C ILE A 64 -26.27 -5.93 -33.58
N LYS A 65 -27.01 -5.00 -32.96
CA LYS A 65 -26.56 -3.62 -32.77
C LYS A 65 -26.88 -3.23 -31.33
N MET A 66 -25.88 -2.67 -30.64
CA MET A 66 -26.03 -2.21 -29.25
C MET A 66 -25.42 -0.83 -29.06
N VAL A 67 -26.25 0.13 -28.70
CA VAL A 67 -25.77 1.46 -28.29
C VAL A 67 -26.00 1.57 -26.77
N PHE A 68 -24.91 1.77 -26.02
CA PHE A 68 -24.95 1.71 -24.56
C PHE A 68 -25.35 3.01 -23.86
N ASP A 69 -26.21 2.87 -22.86
CA ASP A 69 -26.53 3.91 -21.90
C ASP A 69 -25.28 4.28 -21.08
N ASN A 70 -24.63 3.25 -20.53
N ASN A 70 -24.65 3.25 -20.49
CA ASN A 70 -23.54 3.36 -19.57
CA ASN A 70 -23.47 3.40 -19.63
C ASN A 70 -22.94 1.97 -19.38
C ASN A 70 -22.95 1.99 -19.35
N TRP A 71 -21.75 1.90 -18.78
CA TRP A 71 -21.24 0.65 -18.16
C TRP A 71 -20.97 1.01 -16.71
N GLU A 72 -21.38 0.15 -15.78
CA GLU A 72 -21.25 0.43 -14.35
C GLU A 72 -20.81 -0.82 -13.60
N ILE A 73 -19.74 -0.68 -12.84
CA ILE A 73 -19.22 -1.75 -11.98
C ILE A 73 -20.16 -1.92 -10.80
N ILE A 74 -20.44 -3.18 -10.45
CA ILE A 74 -21.25 -3.54 -9.29
C ILE A 74 -20.50 -4.61 -8.49
N ASN A 75 -20.96 -4.90 -7.27
CA ASN A 75 -20.31 -5.90 -6.44
C ASN A 75 -20.57 -7.32 -6.91
N GLY A 76 -19.84 -8.27 -6.35
CA GLY A 76 -20.09 -9.69 -6.58
C GLY A 76 -19.07 -10.29 -7.50
N GLY A 77 -18.29 -9.42 -8.14
CA GLY A 77 -17.14 -9.82 -8.95
C GLY A 77 -16.21 -10.73 -8.17
N SER A 78 -15.90 -11.81 -8.81
CA SER A 78 -15.07 -12.80 -8.25
C SER A 78 -13.67 -12.53 -8.69
N SER A 79 -12.75 -12.62 -7.76
CA SER A 79 -11.33 -12.52 -8.06
C SER A 79 -10.88 -11.42 -9.02
N ASN A 80 -10.41 -11.83 -10.19
CA ASN A 80 -9.91 -10.95 -11.19
C ASN A 80 -10.89 -10.54 -12.27
N PHE A 81 -12.16 -10.65 -11.99
CA PHE A 81 -13.23 -10.13 -12.85
C PHE A 81 -13.86 -8.92 -12.21
N LEU A 82 -14.30 -7.97 -13.03
CA LEU A 82 -15.27 -6.99 -12.58
C LEU A 82 -16.66 -7.39 -13.03
N ARG A 83 -17.63 -7.31 -12.13
CA ARG A 83 -19.04 -7.46 -12.51
C ARG A 83 -19.59 -6.09 -12.95
N ILE A 84 -20.25 -6.06 -14.11
CA ILE A 84 -20.69 -4.78 -14.70
C ILE A 84 -22.10 -4.87 -15.30
N LYS A 85 -22.83 -3.77 -15.20
CA LYS A 85 -24.11 -3.63 -15.91
C LYS A 85 -23.83 -2.86 -17.20
N THR A 86 -24.41 -3.31 -18.31
CA THR A 86 -24.21 -2.62 -19.59
C THR A 86 -25.55 -2.25 -20.26
N PRO A 87 -26.35 -1.39 -19.58
CA PRO A 87 -27.68 -1.03 -20.09
C PRO A 87 -27.61 -0.53 -21.55
N ILE A 88 -28.47 -1.11 -22.39
CA ILE A 88 -28.58 -0.75 -23.80
C ILE A 88 -29.71 0.26 -23.96
N LYS A 89 -29.38 1.46 -24.44
CA LYS A 89 -30.43 2.47 -24.68
C LYS A 89 -31.22 2.23 -25.97
N GLU A 90 -30.55 1.70 -27.00
CA GLU A 90 -31.19 1.38 -28.28
C GLU A 90 -30.41 0.30 -29.04
N GLY A 91 -31.14 -0.42 -29.88
CA GLY A 91 -30.55 -1.50 -30.65
C GLY A 91 -31.51 -2.65 -30.86
N TYR A 92 -30.98 -3.70 -31.48
CA TYR A 92 -31.77 -4.86 -31.87
C TYR A 92 -30.86 -6.05 -32.16
N PHE A 93 -31.46 -7.24 -32.22
CA PHE A 93 -30.82 -8.34 -32.93
C PHE A 93 -31.83 -9.04 -33.85
N LYS A 94 -31.29 -9.66 -34.88
CA LYS A 94 -32.07 -10.34 -35.89
C LYS A 94 -31.53 -11.71 -36.16
N VAL A 95 -32.42 -12.70 -36.15
CA VAL A 95 -32.03 -14.06 -36.39
C VAL A 95 -32.74 -14.77 -37.55
N ARG A 96 -33.90 -15.37 -37.33
CA ARG A 96 -34.52 -16.19 -38.39
C ARG A 96 -35.65 -15.42 -39.04
N ASN A 97 -35.27 -14.30 -39.60
CA ASN A 97 -36.23 -13.32 -40.14
C ASN A 97 -37.05 -12.66 -39.00
N THR A 98 -36.58 -12.84 -37.75
CA THR A 98 -37.22 -12.25 -36.57
C THR A 98 -36.26 -11.23 -35.97
N THR A 99 -36.77 -10.02 -35.73
CA THR A 99 -36.02 -8.97 -35.08
C THR A 99 -36.54 -8.75 -33.65
N VAL A 100 -35.61 -8.58 -32.70
CA VAL A 100 -35.94 -8.34 -31.30
C VAL A 100 -35.35 -6.98 -30.89
N ASP A 101 -36.16 -6.15 -30.26
CA ASP A 101 -35.76 -4.83 -29.81
C ASP A 101 -34.94 -4.92 -28.53
N LEU A 102 -33.79 -4.23 -28.52
CA LEU A 102 -32.88 -4.24 -27.34
C LEU A 102 -32.92 -2.98 -26.48
N SER A 103 -33.81 -2.03 -26.81
CA SER A 103 -34.01 -0.84 -25.98
C SER A 103 -34.49 -1.23 -24.58
N GLY A 104 -33.79 -0.74 -23.55
CA GLY A 104 -34.16 -1.00 -22.16
C GLY A 104 -33.71 -2.35 -21.61
N ILE A 105 -32.90 -3.07 -22.38
CA ILE A 105 -32.29 -4.34 -21.92
C ILE A 105 -31.02 -4.01 -21.12
N ASN A 106 -30.86 -4.70 -19.98
CA ASN A 106 -29.85 -4.35 -18.97
C ASN A 106 -29.03 -5.59 -18.53
N PRO A 107 -28.06 -6.02 -19.36
CA PRO A 107 -27.25 -7.21 -19.06
C PRO A 107 -26.27 -6.98 -17.91
N VAL A 108 -26.00 -8.07 -17.20
CA VAL A 108 -24.94 -8.08 -16.20
C VAL A 108 -23.89 -9.07 -16.69
N LEU A 109 -22.68 -8.54 -16.91
CA LEU A 109 -21.56 -9.33 -17.33
C LEU A 109 -20.49 -9.36 -16.26
N GLU A 110 -19.57 -10.30 -16.40
CA GLU A 110 -18.29 -10.25 -15.70
C GLU A 110 -17.19 -10.25 -16.72
N ILE A 111 -16.27 -9.29 -16.62
CA ILE A 111 -15.18 -9.20 -17.59
C ILE A 111 -13.87 -9.18 -16.82
N LYS A 112 -12.93 -9.99 -17.29
CA LYS A 112 -11.60 -10.08 -16.70
C LYS A 112 -10.83 -8.77 -16.90
N LEU A 113 -10.02 -8.40 -15.91
CA LEU A 113 -9.01 -7.35 -16.07
C LEU A 113 -7.65 -8.02 -16.17
N ASP A 114 -6.79 -7.48 -17.01
CA ASP A 114 -5.39 -7.90 -17.03
C ASP A 114 -4.48 -6.69 -17.19
N PHE A 115 -3.22 -6.87 -16.86
CA PHE A 115 -2.20 -5.84 -17.09
C PHE A 115 -1.64 -6.00 -18.49
N PHE A 116 -1.66 -4.93 -19.28
CA PHE A 116 -1.21 -4.96 -20.67
C PHE A 116 0.07 -4.18 -20.90
N ASN A 117 0.88 -4.68 -21.83
CA ASN A 117 2.13 -4.04 -22.26
C ASN A 117 1.84 -2.91 -23.23
N ASP A 118 2.70 -1.91 -23.20
CA ASP A 118 2.72 -0.88 -24.21
C ASP A 118 4.00 -1.07 -25.03
N ILE A 119 3.84 -1.31 -26.32
CA ILE A 119 5.00 -1.64 -27.17
C ILE A 119 6.06 -0.55 -27.32
N SER A 120 5.68 0.71 -27.12
CA SER A 120 6.64 1.83 -27.19
C SER A 120 7.18 2.27 -25.82
N ASN A 121 6.66 1.64 -24.75
CA ASN A 121 7.14 1.90 -23.40
C ASN A 121 7.03 0.65 -22.50
N PRO A 122 8.13 -0.13 -22.38
CA PRO A 122 8.22 -1.29 -21.49
C PRO A 122 7.95 -0.93 -20.02
N ASN A 123 8.07 0.35 -19.66
CA ASN A 123 8.04 0.76 -18.26
C ASN A 123 6.70 1.24 -17.69
N ILE A 124 5.65 1.11 -18.50
CA ILE A 124 4.27 1.37 -18.06
C ILE A 124 3.43 0.15 -18.42
N LYS A 125 2.71 -0.38 -17.43
CA LYS A 125 1.66 -1.37 -17.69
C LYS A 125 0.30 -0.72 -17.43
N GLU A 126 -0.75 -1.21 -18.09
CA GLU A 126 -2.09 -0.66 -17.89
C GLU A 126 -3.08 -1.76 -17.55
N LEU A 127 -3.85 -1.55 -16.49
CA LEU A 127 -4.92 -2.45 -16.08
C LEU A 127 -6.14 -2.06 -16.90
N LYS A 128 -6.58 -3.00 -17.74
CA LYS A 128 -7.67 -2.80 -18.68
C LYS A 128 -8.56 -4.05 -18.72
N PHE A 129 -9.79 -3.88 -19.20
CA PHE A 129 -10.64 -5.02 -19.59
C PHE A 129 -9.91 -5.96 -20.54
N ASN A 130 -10.09 -7.26 -20.32
CA ASN A 130 -9.64 -8.28 -21.25
C ASN A 130 -10.84 -9.12 -21.68
N PHE A 131 -11.24 -8.94 -22.92
CA PHE A 131 -12.42 -9.60 -23.49
C PHE A 131 -12.12 -11.06 -23.86
N GLY A 132 -10.83 -11.40 -23.95
CA GLY A 132 -10.39 -12.77 -24.28
C GLY A 132 -10.80 -13.19 -25.67
N SER A 133 -11.30 -14.42 -25.79
CA SER A 133 -11.72 -14.96 -27.07
C SER A 133 -12.85 -15.95 -26.84
N GLU A 134 -13.40 -16.53 -27.92
CA GLU A 134 -14.48 -17.51 -27.79
C GLU A 134 -14.03 -18.78 -27.06
N SER A 135 -12.73 -19.04 -27.05
CA SER A 135 -12.16 -20.23 -26.41
C SER A 135 -11.82 -20.09 -24.91
N ASN A 136 -12.09 -18.91 -24.32
CA ASN A 136 -12.02 -18.73 -22.85
C ASN A 136 -13.26 -18.01 -22.30
N ASP A 137 -13.26 -17.76 -20.99
CA ASP A 137 -14.41 -17.16 -20.32
C ASP A 137 -14.10 -15.76 -19.75
N ASP A 138 -13.35 -14.98 -20.53
CA ASP A 138 -12.96 -13.65 -20.04
C ASP A 138 -14.14 -12.72 -20.00
N ILE A 139 -15.17 -13.04 -20.80
CA ILE A 139 -16.49 -12.45 -20.68
C ILE A 139 -17.46 -13.56 -20.28
N LYS A 140 -18.20 -13.30 -19.19
CA LYS A 140 -19.25 -14.18 -18.71
C LYS A 140 -20.54 -13.39 -18.68
N ILE A 141 -21.63 -14.05 -19.08
CA ILE A 141 -22.95 -13.49 -18.93
C ILE A 141 -23.53 -13.95 -17.59
N ILE A 142 -23.75 -12.98 -16.71
CA ILE A 142 -24.35 -13.24 -15.40
C ILE A 142 -25.87 -13.26 -15.53
N VAL A 143 -26.45 -12.18 -16.06
CA VAL A 143 -27.90 -12.05 -16.31
C VAL A 143 -28.08 -11.41 -17.69
N SER A 144 -28.89 -12.04 -18.54
CA SER A 144 -29.13 -11.52 -19.88
C SER A 144 -29.85 -10.16 -19.84
N ASP A 145 -30.85 -10.08 -18.99
CA ASP A 145 -31.59 -8.83 -18.78
C ASP A 145 -32.13 -8.76 -17.36
N LEU A 146 -31.54 -7.85 -16.60
CA LEU A 146 -31.97 -7.55 -15.23
C LEU A 146 -33.45 -7.06 -15.18
N ASN A 147 -33.95 -6.58 -16.32
CA ASN A 147 -35.33 -6.07 -16.46
C ASN A 147 -36.37 -7.15 -16.88
N GLY A 148 -35.90 -8.37 -17.11
CA GLY A 148 -36.76 -9.55 -17.37
C GLY A 148 -37.42 -9.68 -18.75
N ASN A 149 -36.93 -8.93 -19.73
CA ASN A 149 -37.56 -8.84 -21.05
C ASN A 149 -37.15 -9.92 -22.05
N LEU A 150 -36.00 -10.55 -21.85
CA LEU A 150 -35.56 -11.62 -22.74
C LEU A 150 -35.86 -13.00 -22.16
N GLN A 151 -36.47 -13.86 -22.97
CA GLN A 151 -36.78 -15.23 -22.55
C GLN A 151 -36.57 -16.28 -23.64
N GLU A 152 -36.42 -17.53 -23.19
CA GLU A 152 -36.36 -18.72 -24.07
C GLU A 152 -35.40 -18.56 -25.24
N GLU A 153 -35.87 -18.81 -26.48
CA GLU A 153 -35.07 -18.66 -27.70
C GLU A 153 -34.42 -17.27 -27.81
N ASP A 154 -35.18 -16.21 -27.50
CA ASP A 154 -34.64 -14.83 -27.53
C ASP A 154 -33.39 -14.67 -26.66
N GLU A 155 -33.46 -15.16 -25.42
CA GLU A 155 -32.36 -15.11 -24.48
C GLU A 155 -31.15 -15.88 -25.02
N PHE A 156 -31.43 -17.05 -25.59
CA PHE A 156 -30.39 -17.95 -26.09
C PHE A 156 -29.59 -17.29 -27.21
N TYR A 157 -30.31 -16.76 -28.21
CA TYR A 157 -29.66 -16.07 -29.33
C TYR A 157 -28.98 -14.75 -28.95
N PHE A 158 -29.59 -14.03 -28.03
CA PHE A 158 -29.03 -12.79 -27.52
C PHE A 158 -27.66 -13.05 -26.87
N ASN A 159 -27.58 -14.07 -26.02
CA ASN A 159 -26.34 -14.42 -25.32
C ASN A 159 -25.21 -14.69 -26.27
N LYS A 160 -25.50 -15.47 -27.31
CA LYS A 160 -24.52 -15.79 -28.34
C LYS A 160 -24.06 -14.52 -29.07
N LEU A 161 -25.02 -13.70 -29.52
CA LEU A 161 -24.70 -12.52 -30.32
C LEU A 161 -24.06 -11.40 -29.49
N LEU A 162 -24.39 -11.32 -28.21
CA LEU A 162 -23.72 -10.36 -27.31
C LEU A 162 -22.23 -10.62 -27.24
N ILE A 163 -21.85 -11.88 -27.06
CA ILE A 163 -20.45 -12.25 -26.96
C ILE A 163 -19.76 -11.98 -28.30
N ASN A 164 -20.43 -12.34 -29.40
CA ASN A 164 -19.90 -12.07 -30.74
C ASN A 164 -19.57 -10.61 -30.86
N ALA A 165 -20.52 -9.75 -30.47
CA ALA A 165 -20.37 -8.32 -30.60
C ALA A 165 -19.24 -7.76 -29.69
N PHE A 166 -19.17 -8.23 -28.45
CA PHE A 166 -18.10 -7.78 -27.55
C PHE A 166 -16.70 -8.11 -28.09
N ILE A 167 -16.48 -9.38 -28.43
CA ILE A 167 -15.17 -9.82 -28.91
C ILE A 167 -14.80 -9.09 -30.21
N GLN A 168 -15.74 -8.97 -31.15
CA GLN A 168 -15.44 -8.28 -32.40
C GLN A 168 -15.14 -6.79 -32.23
N ASN A 169 -15.68 -6.17 -31.17
CA ASN A 169 -15.51 -4.74 -30.93
C ASN A 169 -14.53 -4.41 -29.78
N GLU A 170 -13.69 -5.38 -29.46
CA GLU A 170 -12.72 -5.29 -28.37
C GLU A 170 -11.83 -4.02 -28.45
N LYS A 171 -11.36 -3.67 -29.66
CA LYS A 171 -10.51 -2.49 -29.87
C LYS A 171 -11.15 -1.15 -29.47
N GLN A 172 -12.47 -1.13 -29.37
CA GLN A 172 -13.20 0.09 -29.02
C GLN A 172 -13.13 0.50 -27.56
N ILE A 173 -12.89 -0.49 -26.69
CA ILE A 173 -12.81 -0.27 -25.26
C ILE A 173 -11.33 -0.30 -24.89
N SER A 174 -10.81 0.86 -24.49
CA SER A 174 -9.44 1.02 -23.98
C SER A 174 -9.45 1.80 -22.67
N TYR A 175 -10.47 1.63 -21.83
CA TYR A 175 -10.48 2.31 -20.55
C TYR A 175 -9.31 1.83 -19.67
N ILE A 176 -8.55 2.78 -19.13
CA ILE A 176 -7.40 2.48 -18.26
C ILE A 176 -7.89 2.55 -16.82
N PHE A 177 -8.01 1.39 -16.18
CA PHE A 177 -8.35 1.35 -14.76
C PHE A 177 -7.24 1.91 -13.88
N ALA A 178 -6.00 1.59 -14.23
CA ALA A 178 -4.82 2.05 -13.50
C ALA A 178 -3.65 1.98 -14.45
N SER A 179 -2.75 2.95 -14.34
CA SER A 179 -1.46 2.83 -14.97
C SER A 179 -0.47 2.40 -13.88
N LEU A 180 0.47 1.54 -14.26
CA LEU A 180 1.49 1.01 -13.36
C LEU A 180 2.86 1.40 -13.87
N ASN A 181 3.67 2.04 -13.02
CA ASN A 181 5.04 2.40 -13.37
C ASN A 181 6.02 1.32 -12.93
N VAL A 182 6.70 0.70 -13.90
CA VAL A 182 7.75 -0.29 -13.65
C VAL A 182 8.99 0.39 -13.03
N THR A 183 9.33 1.59 -13.52
CA THR A 183 10.42 2.42 -12.97
C THR A 183 9.79 3.71 -12.43
N SER A 184 10.48 4.38 -11.51
CA SER A 184 9.93 5.57 -10.88
C SER A 184 10.98 6.35 -10.12
N ASP A 185 10.56 7.48 -9.57
CA ASP A 185 11.41 8.34 -8.76
C ASP A 185 11.71 7.68 -7.40
N ILE A 186 10.78 6.85 -6.93
CA ILE A 186 10.91 6.18 -5.64
C ILE A 186 11.16 4.69 -5.88
N GLU A 187 12.43 4.35 -6.06
CA GLU A 187 12.90 3.05 -6.53
C GLU A 187 12.43 1.85 -5.67
N TRP A 188 12.38 2.05 -4.35
CA TRP A 188 12.01 0.96 -3.44
C TRP A 188 10.58 0.44 -3.62
N MET A 189 9.73 1.26 -4.25
CA MET A 189 8.36 0.87 -4.60
C MET A 189 8.21 0.04 -5.88
N ASN A 190 9.24 0.04 -6.74
CA ASN A 190 9.13 -0.57 -8.09
C ASN A 190 8.63 -2.01 -8.05
N PRO A 191 7.48 -2.27 -8.70
CA PRO A 191 6.85 -3.59 -8.58
C PRO A 191 7.44 -4.56 -9.60
N LYS A 192 7.61 -5.80 -9.18
CA LYS A 192 8.17 -6.82 -10.06
C LYS A 192 7.05 -7.75 -10.50
N GLN A 193 6.11 -8.01 -9.60
CA GLN A 193 4.96 -8.90 -9.83
C GLN A 193 3.71 -8.31 -9.20
N PHE A 194 2.56 -8.53 -9.83
CA PHE A 194 1.34 -7.84 -9.41
C PHE A 194 0.09 -8.58 -9.87
N LYS A 195 -0.97 -8.41 -9.09
CA LYS A 195 -2.26 -9.09 -9.29
C LYS A 195 -3.38 -8.09 -9.04
N PHE A 196 -4.46 -8.21 -9.80
CA PHE A 196 -5.70 -7.48 -9.51
C PHE A 196 -6.70 -8.32 -8.71
N VAL A 197 -7.37 -7.70 -7.73
CA VAL A 197 -8.39 -8.38 -6.92
C VAL A 197 -9.51 -7.41 -6.61
N TYR A 198 -10.76 -7.84 -6.83
CA TYR A 198 -11.94 -7.02 -6.44
C TYR A 198 -12.39 -7.45 -5.06
N TYR A 199 -12.79 -6.49 -4.22
CA TYR A 199 -13.16 -6.76 -2.84
C TYR A 199 -14.50 -6.12 -2.49
N SER A 200 -15.37 -6.87 -1.81
CA SER A 200 -16.68 -6.39 -1.34
C SER A 200 -16.68 -6.15 0.19
N PRO A 201 -16.75 -4.88 0.62
CA PRO A 201 -16.75 -4.56 2.07
C PRO A 201 -18.08 -4.88 2.75
N THR A 202 -18.05 -5.07 4.07
CA THR A 202 -19.24 -5.42 4.87
C THR A 202 -20.38 -4.39 4.84
N ASP A 206 -20.37 0.09 -0.98
CA ASP A 206 -19.27 0.36 -1.93
C ASP A 206 -18.58 -0.94 -2.34
N GLY A 207 -17.59 -0.84 -3.23
CA GLY A 207 -16.70 -1.95 -3.60
C GLY A 207 -15.31 -1.40 -3.89
N TYR A 208 -14.30 -2.26 -3.71
CA TYR A 208 -12.89 -1.85 -3.84
C TYR A 208 -12.13 -2.61 -4.93
N LEU A 209 -11.39 -1.87 -5.74
CA LEU A 209 -10.45 -2.47 -6.70
C LEU A 209 -9.08 -2.40 -6.06
N PHE A 210 -8.38 -3.52 -6.05
CA PHE A 210 -7.04 -3.61 -5.45
C PHE A 210 -6.01 -4.11 -6.43
N ILE A 211 -4.79 -3.59 -6.30
CA ILE A 211 -3.62 -4.18 -6.99
C ILE A 211 -2.68 -4.61 -5.87
N LEU A 212 -2.30 -5.89 -5.89
CA LEU A 212 -1.36 -6.47 -4.92
C LEU A 212 -0.01 -6.57 -5.61
N SER A 213 1.07 -6.12 -4.94
CA SER A 213 2.39 -6.16 -5.59
C SER A 213 3.47 -6.74 -4.71
N VAL A 214 4.47 -7.34 -5.35
CA VAL A 214 5.76 -7.64 -4.71
C VAL A 214 6.87 -6.88 -5.45
N VAL A 215 7.87 -6.41 -4.70
CA VAL A 215 8.96 -5.58 -5.22
C VAL A 215 10.28 -6.37 -5.48
N THR A 216 10.24 -7.68 -5.34
CA THR A 216 11.33 -8.59 -5.73
C THR A 216 10.76 -9.73 -6.60
N ASN A 217 11.64 -10.60 -7.10
CA ASN A 217 11.20 -11.72 -7.92
C ASN A 217 10.91 -13.01 -7.15
N ARG A 218 10.63 -12.88 -5.87
CA ARG A 218 10.28 -14.05 -5.06
C ARG A 218 9.03 -14.76 -5.61
N ASP A 219 8.92 -16.05 -5.31
CA ASP A 219 7.78 -16.87 -5.70
C ASP A 219 6.46 -16.31 -5.15
N ILE A 220 5.53 -15.98 -6.05
CA ILE A 220 4.20 -15.49 -5.65
C ILE A 220 3.11 -16.55 -5.84
N SER A 221 3.47 -17.68 -6.48
CA SER A 221 2.51 -18.73 -6.83
C SER A 221 1.80 -19.33 -5.62
N LYS A 222 2.43 -19.24 -4.45
CA LYS A 222 1.87 -19.71 -3.19
C LYS A 222 1.16 -18.61 -2.35
N LEU A 223 1.19 -17.36 -2.81
CA LEU A 223 0.45 -16.28 -2.13
C LEU A 223 -1.01 -16.29 -2.57
N SER A 224 -1.92 -16.06 -1.63
CA SER A 224 -3.34 -15.92 -1.94
C SER A 224 -3.63 -14.51 -2.43
N ALA A 225 -4.87 -14.29 -2.85
CA ALA A 225 -5.38 -12.99 -3.24
C ALA A 225 -6.12 -12.34 -2.06
N ASN A 226 -5.66 -12.61 -0.84
CA ASN A 226 -6.24 -12.01 0.37
C ASN A 226 -5.85 -10.54 0.46
N VAL A 227 -6.83 -9.69 0.77
CA VAL A 227 -6.58 -8.26 0.90
C VAL A 227 -7.32 -7.67 2.12
N ASP A 228 -6.69 -6.66 2.73
CA ASP A 228 -7.26 -6.02 3.90
C ASP A 228 -8.14 -4.88 3.44
N GLY A 229 -9.46 -5.06 3.55
CA GLY A 229 -10.43 -4.00 3.21
C GLY A 229 -10.26 -2.68 3.98
N ASN A 230 -9.64 -2.75 5.16
CA ASN A 230 -9.39 -1.55 5.98
C ASN A 230 -8.41 -0.56 5.33
N ILE A 231 -7.75 -0.99 4.24
CA ILE A 231 -6.94 -0.07 3.42
C ILE A 231 -7.80 1.10 2.94
N LEU A 232 -9.05 0.81 2.61
CA LEU A 232 -9.97 1.87 2.24
C LEU A 232 -10.96 2.19 3.36
N GLY A 233 -10.51 2.01 4.61
CA GLY A 233 -11.27 2.39 5.82
C GLY A 233 -11.53 3.91 5.89
N ASN A 234 -12.36 4.33 6.84
CA ASN A 234 -12.75 5.76 7.01
C ASN A 234 -13.34 6.35 5.73
N ASN A 235 -13.99 5.51 4.92
CA ASN A 235 -14.56 5.89 3.59
C ASN A 235 -13.58 6.55 2.61
N SER A 236 -12.32 6.14 2.69
CA SER A 236 -11.27 6.66 1.81
C SER A 236 -11.55 6.27 0.37
N GLU A 237 -11.26 7.21 -0.52
CA GLU A 237 -11.39 6.99 -1.96
C GLU A 237 -10.21 6.21 -2.54
N VAL A 238 -9.00 6.52 -2.08
CA VAL A 238 -7.76 5.88 -2.59
C VAL A 238 -6.91 5.53 -1.37
N GLY A 239 -6.19 4.41 -1.43
CA GLY A 239 -5.32 4.04 -0.34
C GLY A 239 -4.16 3.18 -0.77
N LEU A 240 -3.15 3.09 0.08
CA LEU A 240 -2.12 2.10 -0.13
C LEU A 240 -1.59 1.63 1.21
N LEU A 241 -1.09 0.40 1.20
CA LEU A 241 -0.56 -0.23 2.38
C LEU A 241 0.84 -0.75 2.07
N ILE A 242 1.79 -0.32 2.88
CA ILE A 242 3.19 -0.74 2.76
C ILE A 242 3.50 -1.74 3.88
N SER A 243 4.22 -2.82 3.56
CA SER A 243 4.58 -3.86 4.54
C SER A 243 5.43 -3.25 5.68
N GLU A 244 5.34 -3.87 6.85
CA GLU A 244 6.19 -3.49 7.98
C GLU A 244 7.67 -3.39 7.58
N LYS A 245 8.16 -4.39 6.84
CA LYS A 245 9.58 -4.45 6.47
C LYS A 245 9.98 -3.30 5.54
N LEU A 246 9.15 -3.04 4.52
CA LEU A 246 9.43 -1.88 3.63
C LEU A 246 9.37 -0.54 4.36
N PHE A 247 8.46 -0.41 5.33
CA PHE A 247 8.34 0.80 6.16
C PHE A 247 9.64 1.01 6.97
N LEU A 248 10.11 -0.05 7.62
CA LEU A 248 11.36 0.01 8.40
C LEU A 248 12.55 0.36 7.52
N GLN A 249 12.65 -0.29 6.36
CA GLN A 249 13.80 -0.16 5.49
C GLN A 249 13.86 1.23 4.87
N ASN A 250 12.70 1.72 4.41
CA ASN A 250 12.65 2.90 3.55
C ASN A 250 12.09 4.16 4.16
N MET A 251 11.46 4.05 5.31
CA MET A 251 10.98 5.26 5.97
C MET A 251 11.60 5.49 7.36
N VAL A 252 11.86 4.40 8.07
CA VAL A 252 12.43 4.51 9.42
C VAL A 252 13.96 4.52 9.43
N LEU A 253 14.61 3.60 8.71
CA LEU A 253 16.07 3.40 8.80
C LEU A 253 16.87 4.68 8.59
N SER A 254 16.46 5.51 7.65
CA SER A 254 17.19 6.77 7.33
C SER A 254 16.74 8.00 8.13
N ARG A 255 15.85 7.79 9.10
CA ARG A 255 15.37 8.90 9.94
C ARG A 255 15.53 8.68 11.45
N LEU A 256 15.64 7.43 11.89
CA LEU A 256 15.69 7.13 13.36
C LEU A 256 16.88 7.80 14.05
N SER A 257 17.96 8.07 13.30
CA SER A 257 19.19 8.66 13.86
C SER A 257 19.32 10.18 13.63
N SER A 258 18.25 10.81 13.14
CA SER A 258 18.24 12.27 12.88
C SER A 258 18.58 13.17 14.08
N ASN A 259 18.33 12.71 15.32
CA ASN A 259 18.67 13.47 16.53
C ASN A 259 19.86 12.89 17.32
N MET A 260 20.64 12.03 16.66
CA MET A 260 21.73 11.32 17.33
C MET A 260 23.12 11.89 17.06
N GLY A 261 23.19 12.99 16.32
CA GLY A 261 24.46 13.67 16.02
C GLY A 261 25.20 13.13 14.81
N SER A 262 26.29 13.80 14.45
CA SER A 262 26.98 13.59 13.16
C SER A 262 27.66 12.22 13.00
N ASN A 263 27.97 11.56 14.12
CA ASN A 263 28.67 10.27 14.08
C ASN A 263 27.76 9.03 14.05
N ILE A 264 26.45 9.24 14.19
CA ILE A 264 25.47 8.17 14.12
C ILE A 264 24.50 8.43 12.96
N ASN A 265 24.55 7.54 11.98
CA ASN A 265 23.83 7.72 10.70
C ASN A 265 23.21 6.41 10.24
N LYS A 266 22.50 6.46 9.12
CA LYS A 266 21.80 5.29 8.59
C LYS A 266 22.71 4.06 8.49
N ASN A 267 23.96 4.28 8.06
CA ASN A 267 24.92 3.18 7.82
C ASN A 267 25.30 2.38 9.10
N ASN A 268 24.99 2.93 10.28
CA ASN A 268 25.20 2.25 11.56
C ASN A 268 24.12 1.24 11.91
N PHE A 269 23.08 1.17 11.08
CA PHE A 269 21.94 0.32 11.37
C PHE A 269 21.56 -0.50 10.15
N GLU A 270 20.72 -1.52 10.37
CA GLU A 270 20.18 -2.36 9.31
C GLU A 270 18.92 -3.06 9.77
N VAL A 271 18.11 -3.50 8.80
CA VAL A 271 16.91 -4.27 9.06
C VAL A 271 17.24 -5.76 9.05
N ILE A 272 16.91 -6.45 10.14
CA ILE A 272 16.94 -7.90 10.17
C ILE A 272 15.55 -8.40 9.76
N SER A 273 15.50 -9.19 8.70
N SER A 273 15.50 -9.22 8.71
CA SER A 273 14.25 -9.78 8.25
CA SER A 273 14.24 -9.76 8.21
C SER A 273 13.81 -10.85 9.23
C SER A 273 13.78 -10.93 9.08
N THR A 274 12.51 -10.90 9.47
CA THR A 274 11.89 -11.95 10.28
C THR A 274 10.85 -12.75 9.46
N SER A 275 10.53 -12.24 8.27
CA SER A 275 9.74 -12.93 7.22
C SER A 275 9.87 -12.11 5.93
N ASP A 276 9.18 -12.49 4.85
CA ASP A 276 9.21 -11.67 3.63
C ASP A 276 8.68 -10.26 3.86
N THR A 277 7.81 -10.09 4.84
CA THR A 277 7.14 -8.82 5.02
C THR A 277 7.34 -8.16 6.39
N THR A 278 8.12 -8.78 7.28
CA THR A 278 8.37 -8.24 8.62
C THR A 278 9.86 -8.17 8.96
N GLY A 279 10.20 -7.34 9.95
CA GLY A 279 11.58 -7.25 10.41
C GLY A 279 11.75 -6.39 11.64
N ARG A 280 13.00 -6.16 11.98
CA ARG A 280 13.35 -5.27 13.10
C ARG A 280 14.69 -4.61 12.79
N ILE A 281 15.04 -3.58 13.55
CA ILE A 281 16.22 -2.78 13.26
C ILE A 281 17.23 -2.98 14.40
N VAL A 282 18.49 -3.13 14.00
CA VAL A 282 19.60 -3.24 14.96
C VAL A 282 20.74 -2.34 14.50
N ASN A 283 21.63 -1.97 15.42
CA ASN A 283 22.89 -1.36 15.03
C ASN A 283 23.83 -2.47 14.54
N ASN A 284 24.78 -2.08 13.69
CA ASN A 284 25.82 -2.99 13.18
C ASN A 284 27.23 -2.60 13.67
N SER A 285 27.30 -1.59 14.53
CA SER A 285 28.55 -1.03 15.04
C SER A 285 28.26 -0.11 16.25
N THR A 286 29.29 0.24 17.00
CA THR A 286 29.17 1.17 18.13
C THR A 286 28.60 2.49 17.68
N LEU A 287 27.71 3.03 18.48
CA LEU A 287 27.10 4.30 18.20
C LEU A 287 27.75 5.33 19.08
N ASN A 288 28.47 6.25 18.44
CA ASN A 288 29.25 7.28 19.13
C ASN A 288 28.39 8.52 19.30
N TRP A 289 27.79 8.66 20.48
CA TRP A 289 26.95 9.83 20.80
C TRP A 289 27.73 11.14 20.67
N TYR A 290 27.02 12.24 20.46
CA TYR A 290 27.64 13.57 20.48
C TYR A 290 28.10 13.96 21.89
N GLY A 291 29.01 14.90 21.96
CA GLY A 291 29.57 15.35 23.24
C GLY A 291 28.50 16.05 24.05
N LEU A 292 28.40 15.66 25.33
CA LEU A 292 27.50 16.30 26.29
C LEU A 292 28.25 17.02 27.38
N LYS A 293 27.91 18.30 27.59
CA LYS A 293 28.62 19.11 28.57
C LYS A 293 27.94 18.93 29.91
N VAL A 294 28.70 18.43 30.87
CA VAL A 294 28.24 18.27 32.25
C VAL A 294 29.28 18.97 33.13
N ALA A 295 28.82 19.97 33.88
CA ALA A 295 29.68 20.97 34.53
C ALA A 295 30.70 21.54 33.53
N ALA A 296 32.00 21.47 33.82
CA ALA A 296 33.00 22.09 32.93
C ALA A 296 33.46 21.21 31.74
N LEU A 297 33.06 19.95 31.71
CA LEU A 297 33.63 18.99 30.75
C LEU A 297 32.61 18.36 29.82
N TYR A 298 33.08 17.89 28.67
CA TYR A 298 32.26 17.12 27.73
C TYR A 298 32.50 15.64 27.88
N TYR A 299 31.41 14.88 27.74
CA TYR A 299 31.40 13.42 27.90
C TYR A 299 30.75 12.77 26.69
N TYR A 300 31.13 11.52 26.41
CA TYR A 300 30.86 10.92 25.12
C TYR A 300 30.25 9.52 25.29
N PRO A 301 28.93 9.46 25.47
CA PRO A 301 28.31 8.14 25.63
C PRO A 301 28.49 7.25 24.38
N LYS A 302 28.52 5.95 24.62
CA LYS A 302 28.63 4.96 23.56
C LYS A 302 27.43 4.02 23.69
N ILE A 303 26.77 3.70 22.58
CA ILE A 303 25.70 2.71 22.62
C ILE A 303 26.22 1.50 21.88
N ASN A 304 26.29 0.37 22.57
CA ASN A 304 26.84 -0.84 21.99
C ASN A 304 25.81 -1.79 21.40
N ASN A 305 24.59 -1.76 21.92
CA ASN A 305 23.50 -2.64 21.42
C ASN A 305 22.25 -1.78 21.32
N PHE A 306 21.57 -1.89 20.19
CA PHE A 306 20.41 -1.11 19.89
C PHE A 306 19.47 -2.03 19.13
N SER A 307 18.21 -2.08 19.56
N SER A 307 18.20 -2.08 19.55
CA SER A 307 17.18 -2.78 18.82
CA SER A 307 17.17 -2.86 18.85
C SER A 307 15.96 -1.92 18.77
C SER A 307 15.83 -2.14 18.88
N MET A 308 15.18 -2.09 17.70
CA MET A 308 13.97 -1.33 17.49
C MET A 308 13.02 -2.23 16.74
N GLN A 309 11.82 -2.42 17.29
CA GLN A 309 10.82 -3.17 16.56
C GLN A 309 9.44 -2.55 16.78
N LEU A 310 8.50 -2.88 15.91
CA LEU A 310 7.12 -2.45 16.07
C LEU A 310 6.52 -3.04 17.33
N PHE A 311 5.66 -2.29 18.00
CA PHE A 311 5.05 -2.72 19.26
C PHE A 311 3.62 -2.17 19.29
N GLU A 312 2.67 -3.04 19.61
CA GLU A 312 1.23 -2.70 19.59
C GLU A 312 0.75 -2.07 18.28
N GLY A 313 1.45 -2.42 17.19
CA GLY A 313 1.08 -2.00 15.85
C GLY A 313 1.50 -0.58 15.51
N ASN A 314 1.39 0.34 16.46
CA ASN A 314 1.55 1.77 16.13
C ASN A 314 2.71 2.44 16.90
N LYS A 315 3.56 1.64 17.54
CA LYS A 315 4.67 2.19 18.33
C LYS A 315 5.99 1.48 17.99
N LEU A 316 7.10 2.13 18.32
CA LEU A 316 8.39 1.49 18.27
C LEU A 316 8.83 1.22 19.71
N LYS A 317 9.30 0.00 19.96
CA LYS A 317 9.92 -0.34 21.23
C LYS A 317 11.41 -0.38 20.96
N ILE A 318 12.15 0.43 21.71
CA ILE A 318 13.59 0.62 21.50
C ILE A 318 14.27 0.17 22.78
N SER A 319 15.17 -0.80 22.63
CA SER A 319 15.94 -1.35 23.74
C SER A 319 17.43 -1.14 23.40
N LEU A 320 18.17 -0.54 24.34
CA LEU A 320 19.58 -0.26 24.06
C LEU A 320 20.44 -0.42 25.32
N ARG A 321 21.72 -0.69 25.09
CA ARG A 321 22.71 -0.83 26.15
C ARG A 321 23.95 -0.07 25.73
N GLY A 322 24.54 0.64 26.69
CA GLY A 322 25.76 1.41 26.41
C GLY A 322 26.54 1.70 27.68
N LEU A 323 27.50 2.61 27.55
CA LEU A 323 28.36 2.99 28.67
C LEU A 323 28.81 4.43 28.44
N VAL A 324 29.26 5.07 29.53
CA VAL A 324 29.85 6.40 29.41
C VAL A 324 31.01 6.48 30.43
N ARG A 325 32.16 6.90 29.95
CA ARG A 325 33.37 6.98 30.78
C ARG A 325 33.63 8.43 31.17
N LEU A 326 34.25 8.66 32.33
CA LEU A 326 34.63 10.03 32.68
C LEU A 326 35.80 10.54 31.86
N THR A 327 35.57 11.65 31.15
CA THR A 327 36.62 12.38 30.44
C THR A 327 37.74 12.77 31.41
N GLY A 328 38.96 12.33 31.07
CA GLY A 328 40.15 12.56 31.89
C GLY A 328 40.30 11.55 33.01
N LEU A 329 39.34 10.63 33.15
CA LEU A 329 39.34 9.66 34.25
C LEU A 329 38.56 8.44 33.76
N GLU A 330 39.00 7.93 32.62
CA GLU A 330 38.19 6.96 31.87
C GLU A 330 38.01 5.63 32.58
N ALA A 331 38.83 5.37 33.61
CA ALA A 331 38.68 4.16 34.43
C ALA A 331 37.34 4.15 35.15
N VAL A 332 36.83 5.34 35.41
CA VAL A 332 35.55 5.49 36.07
C VAL A 332 34.46 5.62 35.01
N TYR A 333 33.47 4.71 35.07
CA TYR A 333 32.45 4.63 34.01
C TYR A 333 31.19 3.98 34.50
N SER A 334 30.12 4.16 33.72
CA SER A 334 28.82 3.57 34.00
C SER A 334 28.38 2.72 32.82
N ASP A 335 27.81 1.55 33.11
CA ASP A 335 26.94 0.87 32.15
C ASP A 335 25.53 1.41 32.30
N PHE A 336 24.80 1.50 31.18
CA PHE A 336 23.38 1.82 31.25
C PHE A 336 22.53 1.05 30.23
N GLU A 337 21.24 0.93 30.53
CA GLU A 337 20.30 0.31 29.61
C GLU A 337 19.08 1.19 29.58
N ILE A 338 18.44 1.30 28.41
CA ILE A 338 17.25 2.11 28.28
C ILE A 338 16.23 1.30 27.50
N GLN A 339 14.97 1.40 27.92
N GLN A 339 14.99 1.30 27.97
CA GLN A 339 13.83 0.86 27.18
CA GLN A 339 13.85 0.91 27.12
C GLN A 339 12.79 1.96 26.96
C GLN A 339 12.96 2.11 26.93
N SER A 340 12.56 2.32 25.68
CA SER A 340 11.69 3.43 25.30
C SER A 340 10.57 2.91 24.41
N ILE A 341 9.37 3.44 24.59
CA ILE A 341 8.23 3.14 23.73
C ILE A 341 7.81 4.45 23.07
N ASN A 342 7.84 4.47 21.73
CA ASN A 342 7.68 5.71 20.99
C ASN A 342 6.52 5.59 20.01
N LYS A 343 5.44 6.34 20.30
CA LYS A 343 4.18 6.22 19.56
C LYS A 343 4.21 7.02 18.27
N PHE A 344 3.76 6.40 17.18
CA PHE A 344 3.55 7.12 15.92
C PHE A 344 2.39 8.11 16.05
N VAL A 345 2.56 9.31 15.50
CA VAL A 345 1.51 10.32 15.42
C VAL A 345 1.54 10.92 14.02
N TYR A 346 0.35 11.09 13.45
CA TYR A 346 0.17 11.91 12.27
C TYR A 346 -0.72 13.08 12.67
N ASN A 347 -0.13 14.27 12.62
CA ASN A 347 -0.84 15.52 12.86
C ASN A 347 -1.45 15.95 11.52
N SER A 348 -2.78 15.91 11.44
CA SER A 348 -3.50 16.21 10.20
C SER A 348 -3.52 17.70 9.82
N THR A 349 -3.16 18.58 10.77
CA THR A 349 -3.15 20.03 10.51
C THR A 349 -1.85 20.47 9.83
N ASN A 350 -0.72 20.16 10.46
CA ASN A 350 0.59 20.56 9.92
C ASN A 350 1.27 19.48 9.06
N LYS A 351 0.65 18.30 8.97
CA LYS A 351 1.10 17.22 8.06
C LYS A 351 2.43 16.61 8.50
N LYS A 352 2.74 16.69 9.79
CA LYS A 352 3.94 16.03 10.31
C LYS A 352 3.58 14.62 10.77
N ALA A 353 4.47 13.69 10.41
CA ALA A 353 4.39 12.29 10.84
C ALA A 353 5.68 12.03 11.59
N TYR A 354 5.53 11.61 12.85
CA TYR A 354 6.67 11.51 13.75
C TYR A 354 6.42 10.46 14.83
N PHE A 355 7.51 10.04 15.46
CA PHE A 355 7.45 9.19 16.62
C PHE A 355 7.73 10.06 17.86
N GLU A 356 6.79 10.07 18.79
CA GLU A 356 6.85 10.86 20.01
C GLU A 356 7.99 10.38 20.89
N VAL A 357 8.54 11.30 21.68
CA VAL A 357 9.46 10.93 22.77
C VAL A 357 8.63 10.20 23.83
N ASP A 358 9.20 9.16 24.42
CA ASP A 358 8.55 8.44 25.50
C ASP A 358 8.53 9.36 26.73
N LYS A 359 7.36 9.54 27.32
CA LYS A 359 7.25 10.33 28.55
C LYS A 359 7.63 9.54 29.79
N ASN A 360 7.58 8.22 29.69
CA ASN A 360 7.92 7.35 30.83
C ASN A 360 8.84 6.21 30.39
N PRO A 361 10.03 6.55 29.85
CA PRO A 361 10.99 5.49 29.50
C PRO A 361 11.52 4.78 30.74
N THR A 362 12.13 3.61 30.60
CA THR A 362 12.74 2.97 31.76
C THR A 362 14.22 2.81 31.52
N SER A 363 14.98 2.87 32.61
CA SER A 363 16.44 2.71 32.51
C SER A 363 17.04 2.08 33.74
N SER A 364 18.27 1.61 33.62
CA SER A 364 19.05 1.15 34.77
C SER A 364 20.51 1.44 34.48
N TYR A 365 21.34 1.41 35.51
CA TYR A 365 22.74 1.74 35.34
C TYR A 365 23.56 1.03 36.40
N LYS A 366 24.84 0.88 36.11
CA LYS A 366 25.78 0.31 37.09
C LYS A 366 27.02 1.19 37.09
N TYR A 367 27.35 1.78 38.26
CA TYR A 367 28.59 2.56 38.39
C TYR A 367 29.82 1.67 38.61
N HIS A 368 30.94 2.07 38.04
CA HIS A 368 32.23 1.42 38.29
C HIS A 368 33.18 2.49 38.84
N LEU A 369 33.41 2.43 40.15
CA LEU A 369 34.09 3.48 40.92
C LEU A 369 34.95 2.78 41.95
N PHE A 370 36.06 3.42 42.34
CA PHE A 370 36.83 2.90 43.47
C PHE A 370 36.03 3.09 44.78
N PRO A 371 35.99 2.06 45.68
CA PRO A 371 35.21 2.14 46.92
C PRO A 371 35.54 3.38 47.75
N GLY A 372 34.50 4.16 48.08
CA GLY A 372 34.66 5.30 48.97
C GLY A 372 35.03 6.59 48.27
N ASP A 373 35.20 6.55 46.94
CA ASP A 373 35.56 7.73 46.19
C ASP A 373 34.29 8.58 45.96
N LEU A 374 33.99 9.47 46.91
CA LEU A 374 32.75 10.25 46.84
C LEU A 374 32.78 11.34 45.78
N ILE A 375 33.98 11.87 45.52
CA ILE A 375 34.17 12.92 44.50
C ILE A 375 33.77 12.35 43.13
N SER A 376 34.36 11.20 42.77
CA SER A 376 34.07 10.53 41.48
C SER A 376 32.66 10.07 41.40
N LEU A 377 32.10 9.62 42.51
CA LEU A 377 30.67 9.23 42.55
C LEU A 377 29.76 10.38 42.11
N ALA A 378 29.96 11.57 42.69
CA ALA A 378 29.12 12.73 42.34
C ALA A 378 29.24 13.08 40.84
N VAL A 379 30.44 12.98 40.30
CA VAL A 379 30.69 13.33 38.88
C VAL A 379 30.00 12.27 37.99
N LEU A 380 30.28 11.00 38.28
CA LEU A 380 29.68 9.91 37.50
C LEU A 380 28.16 9.89 37.58
N SER A 381 27.63 10.17 38.77
CA SER A 381 26.16 10.21 38.94
C SER A 381 25.53 11.19 37.94
N SER A 382 26.09 12.39 37.88
CA SER A 382 25.59 13.43 36.96
C SER A 382 25.77 13.05 35.50
N VAL A 383 26.96 12.55 35.15
CA VAL A 383 27.27 12.19 33.75
C VAL A 383 26.31 11.09 33.29
N THR A 384 26.04 10.12 34.16
CA THR A 384 25.18 8.96 33.81
C THR A 384 23.74 9.43 33.59
N HIS A 385 23.24 10.27 34.49
CA HIS A 385 21.93 10.88 34.36
C HIS A 385 21.80 11.71 33.08
N TRP A 386 22.72 12.63 32.82
CA TRP A 386 22.70 13.42 31.57
C TRP A 386 22.75 12.55 30.31
N SER A 387 23.58 11.51 30.35
CA SER A 387 23.70 10.59 29.21
C SER A 387 22.37 9.87 28.91
N ILE A 388 21.78 9.31 29.95
CA ILE A 388 20.51 8.60 29.81
C ILE A 388 19.41 9.56 29.31
N LYS A 389 19.31 10.74 29.94
CA LYS A 389 18.28 11.72 29.54
C LYS A 389 18.48 12.21 28.11
N SER A 390 19.74 12.43 27.74
CA SER A 390 20.07 12.85 26.36
C SER A 390 19.56 11.85 25.33
N ILE A 391 19.93 10.59 25.52
CA ILE A 391 19.56 9.52 24.60
C ILE A 391 18.04 9.36 24.57
N GLU A 392 17.40 9.30 25.74
CA GLU A 392 15.92 9.15 25.81
C GLU A 392 15.23 10.24 25.04
N GLY A 393 15.73 11.47 25.16
CA GLY A 393 15.09 12.62 24.54
C GLY A 393 15.30 12.66 23.03
N ALA A 394 16.33 11.95 22.56
CA ALA A 394 16.71 11.97 21.14
C ALA A 394 16.05 10.84 20.35
N LEU A 395 15.36 9.93 21.03
CA LEU A 395 14.82 8.72 20.36
C LEU A 395 13.58 8.97 19.52
N GLY A 396 12.85 10.05 19.82
CA GLY A 396 11.76 10.50 18.97
C GLY A 396 12.32 11.14 17.70
N PHE A 397 11.61 11.03 16.57
CA PHE A 397 12.09 11.57 15.29
C PHE A 397 10.94 11.72 14.30
N GLU A 398 11.17 12.52 13.26
CA GLU A 398 10.17 12.79 12.25
C GLU A 398 10.43 11.96 11.01
N LEU A 399 9.37 11.47 10.37
CA LEU A 399 9.49 10.93 9.03
C LEU A 399 9.49 12.09 8.05
N ILE A 400 10.04 11.83 6.88
CA ILE A 400 9.87 12.72 5.73
C ILE A 400 8.45 12.47 5.23
N ASN A 401 7.65 13.54 5.20
CA ASN A 401 6.33 13.43 4.62
C ASN A 401 6.44 13.61 3.10
N ASN A 402 6.56 12.50 2.37
CA ASN A 402 6.44 12.50 0.90
C ASN A 402 5.22 11.66 0.45
N PHE A 403 4.15 11.72 1.24
CA PHE A 403 3.06 10.73 1.17
C PHE A 403 2.22 10.89 -0.11
N VAL A 404 2.01 12.13 -0.53
CA VAL A 404 1.36 12.41 -1.83
C VAL A 404 2.18 11.77 -2.95
N ASP A 405 3.50 12.00 -2.94
CA ASP A 405 4.40 11.36 -3.91
C ASP A 405 4.34 9.83 -3.88
N LEU A 406 4.32 9.25 -2.68
CA LEU A 406 4.19 7.80 -2.57
C LEU A 406 2.92 7.29 -3.23
N ILE A 407 1.81 7.96 -2.95
CA ILE A 407 0.52 7.48 -3.45
C ILE A 407 0.40 7.72 -4.97
N ASN A 408 1.23 8.64 -5.51
CA ASN A 408 1.30 8.93 -6.95
C ASN A 408 2.43 8.24 -7.72
N ASN A 409 3.32 7.55 -7.01
CA ASN A 409 4.55 7.01 -7.62
C ASN A 409 4.38 5.82 -8.58
N THR A 410 3.56 4.85 -8.18
CA THR A 410 3.53 3.54 -8.81
C THR A 410 2.20 3.27 -9.50
N ILE A 411 1.09 3.41 -8.78
CA ILE A 411 -0.23 3.17 -9.34
C ILE A 411 -0.96 4.49 -9.40
N LYS A 412 -1.35 4.86 -10.61
CA LYS A 412 -2.25 5.98 -10.81
C LYS A 412 -3.58 5.44 -11.31
N TRP A 413 -4.59 5.50 -10.46
CA TRP A 413 -5.94 5.03 -10.80
C TRP A 413 -6.56 5.96 -11.84
N ASN A 414 -6.98 5.36 -12.96
CA ASN A 414 -7.37 6.06 -14.21
C ASN A 414 -6.29 7.01 -14.74
N ASN A 415 -5.02 6.66 -14.48
CA ASN A 415 -3.84 7.47 -14.85
C ASN A 415 -3.87 8.92 -14.27
N LEU A 416 -4.65 9.12 -13.21
CA LEU A 416 -4.80 10.43 -12.57
C LEU A 416 -4.04 10.49 -11.24
N LYS A 417 -3.32 11.58 -11.03
CA LYS A 417 -2.67 11.84 -9.74
C LYS A 417 -3.69 12.36 -8.73
N ILE A 418 -3.43 12.11 -7.45
CA ILE A 418 -4.22 12.72 -6.37
C ILE A 418 -3.46 13.94 -5.79
N SER A 419 -4.16 14.79 -5.04
CA SER A 419 -3.51 15.94 -4.42
C SER A 419 -3.63 15.99 -2.90
N GLN A 420 -4.64 15.31 -2.35
CA GLN A 420 -4.93 15.38 -0.93
C GLN A 420 -4.86 14.02 -0.21
N VAL A 421 -3.87 13.90 0.67
CA VAL A 421 -3.80 12.81 1.62
C VAL A 421 -4.75 13.17 2.76
N THR A 422 -5.56 12.21 3.18
CA THR A 422 -6.56 12.42 4.23
C THR A 422 -6.19 11.79 5.58
N ASN A 423 -5.53 10.63 5.55
CA ASN A 423 -5.16 9.93 6.77
C ASN A 423 -3.86 9.13 6.56
N VAL A 424 -3.08 9.04 7.64
CA VAL A 424 -1.83 8.29 7.63
C VAL A 424 -1.84 7.50 8.94
N THR A 425 -1.75 6.17 8.81
CA THR A 425 -1.87 5.28 9.94
C THR A 425 -0.71 4.29 9.98
N LEU A 426 -0.12 4.09 11.16
CA LEU A 426 0.74 2.95 11.38
C LEU A 426 0.03 1.90 12.21
N ASN A 427 -0.15 0.70 11.64
CA ASN A 427 -0.71 -0.43 12.38
C ASN A 427 -0.14 -1.71 11.81
N VAL A 428 1.11 -2.00 12.20
CA VAL A 428 1.94 -3.09 11.63
C VAL A 428 2.41 -2.70 10.23
N GLY A 429 1.48 -2.67 9.26
CA GLY A 429 1.73 -1.99 7.99
C GLY A 429 1.51 -0.48 8.10
N PHE A 430 1.96 0.23 7.09
CA PHE A 430 1.82 1.68 7.05
C PHE A 430 0.83 2.07 5.95
N CYS A 431 -0.23 2.79 6.33
CA CYS A 431 -1.35 3.03 5.41
C CYS A 431 -1.54 4.52 5.16
N ILE A 432 -1.47 4.89 3.88
CA ILE A 432 -1.69 6.27 3.43
C ILE A 432 -3.01 6.25 2.65
N GLN A 433 -3.94 7.15 3.01
CA GLN A 433 -5.24 7.22 2.33
C GLN A 433 -5.44 8.65 1.83
N GLY A 434 -6.15 8.78 0.72
CA GLY A 434 -6.41 10.08 0.10
C GLY A 434 -7.72 10.21 -0.67
N ASN A 435 -7.98 11.44 -1.12
CA ASN A 435 -9.09 11.72 -2.03
C ASN A 435 -8.65 11.54 -3.45
N ALA A 436 -9.55 11.02 -4.25
CA ALA A 436 -9.40 10.93 -5.70
C ALA A 436 -9.87 12.23 -6.35
#